data_6KZQ
#
_entry.id   6KZQ
#
_cell.length_a   71.447
_cell.length_b   83.708
_cell.length_c   48.615
_cell.angle_alpha   90.000
_cell.angle_beta   90.000
_cell.angle_gamma   90.000
#
_symmetry.space_group_name_H-M   'P 21 21 2'
#
loop_
_entity.id
_entity.type
_entity.pdbx_description
1 polymer 'Tyrosine-protein phosphatase non-receptor type 9'
2 polymer 'NSF-pY83 peptide'
3 water water
#
loop_
_entity_poly.entity_id
_entity_poly.type
_entity_poly.pdbx_seq_one_letter_code
_entity_poly.pdbx_strand_id
1 'polypeptide(L)'
;SVHVPGPHAMTIQELVDYVNARQKQGIYEEYEDIRRENPVGTFHCSMSPGNLEKNRYGDVPCLDQTRVKLTKRSGHTQTD
YINASFMDGYKQKNAYIGTQGPLENTYRDFWLMVWEQKVLVIVMTTRFEEGGRRKCGQYWPLEKDSRIRFGFLTVTNLGV
ENMNHYKKTTLEIHNTEERQKRQVTHFQFLSWPAYGVPSSAASLIDFLRVVRNQQSLAVSNMGARSKGQCPEPPIVVHAS
AGIGRTGTFCSLDICLAQLEELGTLNVFQTVSRMRTQRAFSIQTPEQYYFCYKAILEFAEKEGMVSS
;
A
2 'polypeptide(L)' EVSL(PTR)TFDK F
#
# COMPACT_ATOMS: atom_id res chain seq x y z
N SER A 1 -15.18 -7.67 5.18
CA SER A 1 -13.78 -7.79 4.80
C SER A 1 -13.36 -9.23 4.63
N VAL A 2 -12.47 -9.49 3.66
CA VAL A 2 -11.97 -10.85 3.50
C VAL A 2 -11.10 -11.24 4.69
N HIS A 3 -10.61 -10.26 5.43
CA HIS A 3 -9.67 -10.55 6.49
C HIS A 3 -10.34 -10.87 7.81
N VAL A 4 -10.99 -12.01 7.87
CA VAL A 4 -11.59 -12.48 9.11
C VAL A 4 -10.56 -13.32 9.81
N PRO A 5 -10.68 -13.48 11.11
CA PRO A 5 -9.69 -14.26 11.85
C PRO A 5 -9.62 -15.71 11.38
N GLY A 6 -10.75 -16.28 11.06
CA GLY A 6 -10.83 -17.69 10.73
C GLY A 6 -10.15 -18.05 9.44
N PRO A 7 -9.79 -19.32 9.30
CA PRO A 7 -10.19 -20.33 10.29
C PRO A 7 -9.04 -20.78 11.17
N HIS A 8 -7.87 -20.18 10.98
CA HIS A 8 -6.69 -20.62 11.73
C HIS A 8 -5.94 -19.44 12.32
N ALA A 9 -6.64 -18.51 12.96
CA ALA A 9 -5.90 -17.45 13.60
C ALA A 9 -5.09 -18.04 14.75
N MET A 10 -3.91 -17.46 14.94
CA MET A 10 -2.92 -17.95 15.87
C MET A 10 -2.72 -16.89 16.93
N THR A 11 -2.58 -17.32 18.18
CA THR A 11 -2.14 -16.38 19.18
C THR A 11 -0.67 -16.03 18.95
N ILE A 12 -0.22 -15.01 19.65
CA ILE A 12 1.16 -14.58 19.48
C ILE A 12 2.13 -15.69 19.93
N GLN A 13 1.79 -16.42 21.00
CA GLN A 13 2.69 -17.50 21.40
C GLN A 13 2.64 -18.65 20.40
N GLU A 14 1.48 -18.95 19.84
CA GLU A 14 1.43 -19.94 18.78
C GLU A 14 2.23 -19.49 17.57
N LEU A 15 2.23 -18.18 17.31
CA LEU A 15 3.02 -17.66 16.21
C LEU A 15 4.51 -17.88 16.45
N VAL A 16 4.96 -17.65 17.70
CA VAL A 16 6.35 -17.92 18.03
C VAL A 16 6.69 -19.38 17.73
N ASP A 17 5.88 -20.30 18.23
CA ASP A 17 6.12 -21.72 17.99
C ASP A 17 6.07 -22.04 16.52
N TYR A 18 5.10 -21.45 15.81
CA TYR A 18 4.95 -21.69 14.38
C TYR A 18 6.22 -21.28 13.62
N VAL A 19 6.70 -20.06 13.88
CA VAL A 19 7.91 -19.59 13.20
C VAL A 19 9.11 -20.43 13.63
N ASN A 20 9.19 -20.75 14.92
CA ASN A 20 10.29 -21.58 15.38
C ASN A 20 10.29 -22.93 14.68
N ALA A 21 9.11 -23.53 14.52
CA ALA A 21 9.02 -24.83 13.87
C ALA A 21 9.42 -24.75 12.40
N ARG A 22 8.98 -23.70 11.73
CA ARG A 22 9.21 -23.61 10.29
C ARG A 22 10.56 -23.03 9.94
N GLN A 23 11.05 -22.11 10.78
CA GLN A 23 12.30 -21.41 10.52
C GLN A 23 12.18 -20.55 9.28
N LYS A 24 13.26 -19.86 8.95
CA LYS A 24 13.25 -18.98 7.79
C LYS A 24 12.88 -19.75 6.53
N GLN A 25 13.48 -20.93 6.32
CA GLN A 25 13.24 -21.62 5.06
C GLN A 25 11.81 -22.12 4.98
N GLY A 26 11.24 -22.54 6.11
CA GLY A 26 9.86 -22.97 6.08
C GLY A 26 8.94 -21.81 5.77
N ILE A 27 9.25 -20.64 6.34
CA ILE A 27 8.46 -19.45 6.00
C ILE A 27 8.67 -19.07 4.55
N TYR A 28 9.90 -19.22 4.04
CA TYR A 28 10.13 -18.96 2.62
C TYR A 28 9.34 -19.93 1.76
N GLU A 29 9.31 -21.22 2.16
CA GLU A 29 8.51 -22.19 1.43
C GLU A 29 7.03 -21.84 1.51
N GLU A 30 6.60 -21.34 2.66
CA GLU A 30 5.22 -20.89 2.79
C GLU A 30 4.93 -19.73 1.84
N TYR A 31 5.88 -18.81 1.71
CA TYR A 31 5.69 -17.73 0.75
C TYR A 31 5.55 -18.29 -0.65
N GLU A 32 6.40 -19.25 -1.02
CA GLU A 32 6.26 -19.89 -2.31
C GLU A 32 4.90 -20.53 -2.46
N ASP A 33 4.38 -21.15 -1.39
CA ASP A 33 3.04 -21.72 -1.45
C ASP A 33 2.03 -20.66 -1.80
N ILE A 34 2.18 -19.48 -1.23
CA ILE A 34 1.27 -18.39 -1.52
C ILE A 34 1.40 -17.96 -2.98
N ARG A 35 2.64 -17.83 -3.45
CA ARG A 35 2.87 -17.45 -4.84
C ARG A 35 2.22 -18.42 -5.83
N ARG A 36 2.06 -19.68 -5.44
CA ARG A 36 1.50 -20.69 -6.33
C ARG A 36 -0.02 -20.79 -6.27
N GLU A 37 -0.66 -20.13 -5.31
CA GLU A 37 -2.11 -20.27 -5.18
C GLU A 37 -2.78 -19.86 -6.48
N ASN A 38 -3.83 -20.60 -6.84
CA ASN A 38 -4.59 -20.37 -8.07
C ASN A 38 -5.05 -18.91 -8.11
N PRO A 39 -4.45 -18.09 -8.97
CA PRO A 39 -4.78 -16.65 -8.96
C PRO A 39 -6.22 -16.38 -9.40
N VAL A 40 -7.07 -16.05 -8.44
CA VAL A 40 -8.48 -15.81 -8.72
C VAL A 40 -8.62 -14.36 -9.19
N GLY A 41 -8.99 -14.19 -10.45
CA GLY A 41 -9.19 -12.87 -11.01
C GLY A 41 -8.61 -12.76 -12.40
N THR A 42 -8.86 -11.64 -13.06
CA THR A 42 -8.34 -11.38 -14.39
C THR A 42 -7.66 -10.02 -14.39
N PHE A 43 -6.93 -9.75 -15.45
CA PHE A 43 -6.12 -8.54 -15.55
C PHE A 43 -6.41 -7.81 -16.84
N HIS A 44 -7.62 -7.99 -17.37
CA HIS A 44 -7.89 -7.51 -18.71
C HIS A 44 -7.78 -6.00 -18.81
N CYS A 45 -8.29 -5.28 -17.82
CA CYS A 45 -8.24 -3.82 -17.91
C CYS A 45 -6.81 -3.34 -17.94
N SER A 46 -5.98 -3.85 -17.02
CA SER A 46 -4.55 -3.55 -16.99
C SER A 46 -3.89 -3.80 -18.33
N MET A 47 -4.31 -4.85 -19.02
CA MET A 47 -3.69 -5.28 -20.25
C MET A 47 -4.29 -4.63 -21.48
N SER A 48 -5.34 -3.85 -21.31
CA SER A 48 -5.98 -3.24 -22.46
C SER A 48 -5.06 -2.17 -23.05
N PRO A 49 -5.00 -2.04 -24.37
CA PRO A 49 -4.26 -0.91 -24.94
C PRO A 49 -4.89 0.39 -24.46
N GLY A 50 -4.05 1.39 -24.28
CA GLY A 50 -4.54 2.59 -23.64
C GLY A 50 -4.26 2.52 -22.15
N ASN A 51 -4.39 1.33 -21.57
CA ASN A 51 -4.05 1.18 -20.16
C ASN A 51 -2.65 0.62 -19.93
N LEU A 52 -2.08 -0.06 -20.92
CA LEU A 52 -0.74 -0.61 -20.77
C LEU A 52 0.25 0.47 -20.32
N GLU A 53 0.19 1.62 -20.98
CA GLU A 53 1.07 2.73 -20.65
C GLU A 53 0.81 3.29 -19.26
N LYS A 54 -0.30 2.91 -18.64
CA LYS A 54 -0.64 3.38 -17.30
C LYS A 54 -0.11 2.45 -16.24
N ASN A 55 0.53 1.36 -16.65
CA ASN A 55 1.17 0.44 -15.73
C ASN A 55 2.65 0.77 -15.69
N ARG A 56 3.18 0.96 -14.49
CA ARG A 56 4.60 1.22 -14.39
C ARG A 56 5.40 0.01 -14.82
N TYR A 57 4.87 -1.19 -14.60
CA TYR A 57 5.61 -2.42 -14.86
C TYR A 57 4.78 -3.35 -15.72
N GLY A 58 5.40 -3.92 -16.75
CA GLY A 58 4.70 -4.88 -17.58
C GLY A 58 4.30 -6.14 -16.84
N ASP A 59 4.98 -6.46 -15.75
CA ASP A 59 4.69 -7.66 -14.98
C ASP A 59 3.91 -7.36 -13.70
N VAL A 60 3.38 -6.16 -13.56
CA VAL A 60 2.54 -5.89 -12.40
C VAL A 60 1.22 -5.29 -12.89
N PRO A 61 0.36 -6.09 -13.48
CA PRO A 61 -1.01 -5.65 -13.74
C PRO A 61 -1.76 -5.55 -12.43
N CYS A 62 -3.02 -5.16 -12.47
CA CYS A 62 -3.82 -5.22 -11.28
C CYS A 62 -5.13 -5.91 -11.64
N LEU A 63 -5.72 -6.53 -10.64
CA LEU A 63 -6.89 -7.35 -10.87
C LEU A 63 -8.06 -6.51 -11.35
N ASP A 64 -8.78 -7.04 -12.32
CA ASP A 64 -10.04 -6.41 -12.75
C ASP A 64 -11.00 -6.31 -11.60
N GLN A 65 -11.12 -7.39 -10.81
CA GLN A 65 -12.23 -7.55 -9.88
C GLN A 65 -12.14 -6.58 -8.72
N THR A 66 -10.94 -6.06 -8.44
CA THR A 66 -10.75 -5.22 -7.26
C THR A 66 -10.18 -3.86 -7.61
N ARG A 67 -10.06 -3.54 -8.89
CA ARG A 67 -9.39 -2.32 -9.26
C ARG A 67 -10.22 -1.10 -8.87
N VAL A 68 -9.52 -0.01 -8.61
CA VAL A 68 -10.17 1.26 -8.35
C VAL A 68 -10.46 1.89 -9.69
N LYS A 69 -11.73 2.09 -9.98
CA LYS A 69 -12.11 2.70 -11.24
C LYS A 69 -12.21 4.21 -11.07
N LEU A 70 -11.81 4.92 -12.12
CA LEU A 70 -11.92 6.38 -12.15
C LEU A 70 -13.22 6.74 -12.83
N THR A 71 -13.99 7.61 -12.22
CA THR A 71 -15.29 7.96 -12.77
C THR A 71 -15.28 9.26 -13.54
N LYS A 72 -14.87 10.34 -12.90
CA LYS A 72 -14.94 11.64 -13.58
C LYS A 72 -13.78 11.83 -14.55
N ARG A 73 -13.84 11.19 -15.72
CA ARG A 73 -12.72 11.23 -16.61
C ARG A 73 -12.83 12.45 -17.50
N SER A 74 -11.57 12.74 -18.00
CA SER A 74 -11.51 13.84 -18.96
C SER A 74 -10.37 13.55 -19.90
N GLY A 75 -10.68 13.68 -21.22
CA GLY A 75 -9.66 13.45 -22.23
C GLY A 75 -9.58 11.98 -22.62
N HIS A 76 -9.39 11.75 -23.91
CA HIS A 76 -9.36 10.41 -24.45
C HIS A 76 -8.48 9.48 -23.65
N THR A 77 -7.37 9.99 -23.14
CA THR A 77 -6.38 9.05 -22.63
C THR A 77 -6.68 8.67 -21.20
N GLN A 78 -7.61 9.39 -20.58
CA GLN A 78 -8.01 9.03 -19.24
C GLN A 78 -9.14 8.06 -19.30
N THR A 79 -8.79 6.79 -19.32
CA THR A 79 -9.77 5.74 -19.22
C THR A 79 -10.21 5.67 -17.78
N ASP A 80 -10.99 4.66 -17.46
CA ASP A 80 -11.37 4.51 -16.06
C ASP A 80 -10.31 3.79 -15.26
N TYR A 81 -9.13 3.59 -15.85
CA TYR A 81 -8.17 2.66 -15.30
C TYR A 81 -7.05 3.37 -14.56
N ILE A 82 -6.76 2.89 -13.37
CA ILE A 82 -5.53 3.20 -12.69
C ILE A 82 -5.04 1.90 -12.09
N ASN A 83 -3.74 1.73 -12.06
CA ASN A 83 -3.20 0.50 -11.50
C ASN A 83 -3.28 0.67 -10.00
N ALA A 84 -4.43 0.30 -9.46
CA ALA A 84 -4.77 0.54 -8.07
C ALA A 84 -5.83 -0.47 -7.69
N SER A 85 -5.71 -1.03 -6.49
CA SER A 85 -6.57 -2.13 -6.09
C SER A 85 -7.17 -1.82 -4.74
N PHE A 86 -8.47 -1.97 -4.63
CA PHE A 86 -9.09 -1.95 -3.31
C PHE A 86 -8.60 -3.12 -2.50
N MET A 87 -8.23 -2.86 -1.26
CA MET A 87 -7.69 -3.88 -0.37
C MET A 87 -8.41 -3.79 0.95
N ASP A 88 -8.99 -4.90 1.37
CA ASP A 88 -9.57 -4.94 2.70
C ASP A 88 -8.48 -4.86 3.75
N GLY A 89 -8.87 -4.41 4.94
CA GLY A 89 -7.99 -4.45 6.08
C GLY A 89 -8.64 -5.29 7.15
N TYR A 90 -8.09 -5.23 8.34
CA TYR A 90 -8.67 -5.98 9.44
C TYR A 90 -10.05 -5.40 9.77
N LYS A 91 -11.08 -6.24 9.68
CA LYS A 91 -12.49 -5.85 9.94
C LYS A 91 -12.89 -4.58 9.19
N GLN A 92 -12.33 -4.38 8.01
CA GLN A 92 -12.60 -3.15 7.28
C GLN A 92 -12.51 -3.43 5.80
N LYS A 93 -13.62 -3.32 5.11
CA LYS A 93 -13.59 -3.38 3.66
C LYS A 93 -12.85 -2.16 3.12
N ASN A 94 -12.05 -2.37 2.09
CA ASN A 94 -11.39 -1.26 1.38
C ASN A 94 -10.65 -0.36 2.35
N ALA A 95 -9.88 -0.98 3.24
CA ALA A 95 -9.07 -0.20 4.15
C ALA A 95 -7.95 0.48 3.41
N TYR A 96 -7.53 -0.10 2.30
CA TYR A 96 -6.42 0.46 1.54
C TYR A 96 -6.76 0.47 0.08
N ILE A 97 -6.07 1.34 -0.62
CA ILE A 97 -5.91 1.22 -2.06
C ILE A 97 -4.44 0.98 -2.26
N GLY A 98 -4.09 -0.20 -2.76
CA GLY A 98 -2.71 -0.50 -3.09
C GLY A 98 -2.51 -0.09 -4.54
N THR A 99 -1.48 0.71 -4.78
CA THR A 99 -1.34 1.25 -6.11
C THR A 99 0.15 1.41 -6.40
N GLN A 100 0.45 1.54 -7.68
CA GLN A 100 1.83 1.73 -8.05
C GLN A 100 2.24 3.16 -7.80
N GLY A 101 3.55 3.39 -7.91
CA GLY A 101 4.05 4.75 -7.88
C GLY A 101 3.58 5.44 -9.14
N PRO A 102 2.88 6.56 -8.99
CA PRO A 102 2.30 7.20 -10.18
C PRO A 102 3.37 7.57 -11.19
N LEU A 103 3.02 7.38 -12.44
CA LEU A 103 3.77 7.79 -13.61
C LEU A 103 3.34 9.19 -14.00
N GLU A 104 4.20 9.89 -14.72
CA GLU A 104 3.81 11.21 -15.19
C GLU A 104 2.44 11.18 -15.84
N ASN A 105 2.17 10.16 -16.64
CA ASN A 105 0.91 10.08 -17.35
C ASN A 105 -0.21 9.52 -16.48
N THR A 106 0.05 9.21 -15.22
CA THR A 106 -1.01 8.80 -14.32
C THR A 106 -1.10 9.68 -13.09
N TYR A 107 -0.30 10.75 -13.00
CA TYR A 107 -0.45 11.66 -11.87
C TYR A 107 -1.89 12.09 -11.71
N ARG A 108 -2.49 12.57 -12.81
CA ARG A 108 -3.84 13.10 -12.72
C ARG A 108 -4.82 12.00 -12.34
N ASP A 109 -4.62 10.79 -12.89
CA ASP A 109 -5.43 9.65 -12.49
C ASP A 109 -5.29 9.40 -11.01
N PHE A 110 -4.06 9.42 -10.53
CA PHE A 110 -3.82 9.20 -9.11
C PHE A 110 -4.62 10.19 -8.28
N TRP A 111 -4.50 11.47 -8.59
CA TRP A 111 -5.20 12.44 -7.74
C TRP A 111 -6.70 12.34 -7.92
N LEU A 112 -7.15 11.97 -9.12
CA LEU A 112 -8.57 11.75 -9.31
C LEU A 112 -9.04 10.64 -8.40
N MET A 113 -8.28 9.55 -8.36
CA MET A 113 -8.64 8.46 -7.47
C MET A 113 -8.65 8.92 -6.03
N VAL A 114 -7.60 9.63 -5.61
CA VAL A 114 -7.56 10.15 -4.23
C VAL A 114 -8.78 10.99 -3.95
N TRP A 115 -9.16 11.85 -4.89
CA TRP A 115 -10.35 12.65 -4.69
C TRP A 115 -11.59 11.77 -4.61
N GLU A 116 -11.79 10.95 -5.64
CA GLU A 116 -13.03 10.20 -5.73
C GLU A 116 -13.18 9.23 -4.59
N GLN A 117 -12.08 8.65 -4.12
CA GLN A 117 -12.15 7.66 -3.07
C GLN A 117 -12.06 8.30 -1.70
N LYS A 118 -12.08 9.64 -1.65
CA LYS A 118 -12.17 10.39 -0.40
C LYS A 118 -10.97 10.12 0.49
N VAL A 119 -9.85 9.80 -0.15
CA VAL A 119 -8.65 9.41 0.57
C VAL A 119 -8.15 10.56 1.42
N LEU A 120 -7.78 10.24 2.64
CA LEU A 120 -7.25 11.21 3.58
C LEU A 120 -5.75 11.03 3.81
N VAL A 121 -5.23 9.84 3.57
CA VAL A 121 -3.85 9.53 3.90
C VAL A 121 -3.27 8.75 2.74
N ILE A 122 -2.09 9.16 2.29
CA ILE A 122 -1.33 8.44 1.30
C ILE A 122 -0.07 7.94 1.97
N VAL A 123 0.23 6.65 1.78
CA VAL A 123 1.44 6.07 2.28
C VAL A 123 2.29 5.69 1.09
N MET A 124 3.49 6.23 1.05
CA MET A 124 4.41 5.99 -0.04
C MET A 124 5.66 5.36 0.56
N THR A 125 5.95 4.14 0.16
CA THR A 125 7.10 3.41 0.68
C THR A 125 8.03 3.18 -0.49
N THR A 126 8.54 4.27 -1.04
CA THR A 126 9.51 4.19 -2.10
C THR A 126 10.18 5.54 -2.16
N ARG A 127 11.43 5.53 -2.60
CA ARG A 127 12.03 6.75 -3.06
C ARG A 127 11.66 6.96 -4.53
N PHE A 128 11.88 8.18 -5.02
CA PHE A 128 11.62 8.45 -6.42
C PHE A 128 12.53 7.62 -7.32
N GLU A 129 13.75 7.40 -6.86
CA GLU A 129 14.71 6.70 -7.66
C GLU A 129 15.47 5.73 -6.81
N GLU A 130 15.83 4.61 -7.40
CA GLU A 130 16.71 3.66 -6.77
C GLU A 130 17.65 3.22 -7.88
N GLY A 131 18.95 3.28 -7.60
CA GLY A 131 19.94 2.97 -8.62
C GLY A 131 19.82 3.89 -9.81
N GLY A 132 19.46 5.14 -9.57
CA GLY A 132 19.30 6.09 -10.64
C GLY A 132 18.24 5.62 -11.61
N ARG A 133 17.39 4.70 -11.15
CA ARG A 133 16.22 4.25 -11.91
C ARG A 133 14.99 4.85 -11.28
N ARG A 134 14.16 5.50 -12.08
CA ARG A 134 12.98 6.13 -11.51
C ARG A 134 12.02 5.05 -11.05
N LYS A 135 11.55 5.15 -9.82
CA LYS A 135 10.67 4.14 -9.25
C LYS A 135 9.31 4.71 -8.99
N CYS A 136 9.27 6.03 -8.93
CA CYS A 136 8.02 6.71 -8.70
C CYS A 136 8.13 8.12 -9.20
N GLY A 137 7.06 8.63 -9.78
CA GLY A 137 7.08 10.00 -10.22
C GLY A 137 6.91 10.95 -9.06
N GLN A 138 7.36 12.18 -9.27
CA GLN A 138 7.12 13.23 -8.28
C GLN A 138 5.72 13.76 -8.56
N TYR A 139 4.72 13.02 -8.06
CA TYR A 139 3.34 13.29 -8.41
C TYR A 139 2.70 14.32 -7.51
N TRP A 140 3.42 14.84 -6.54
CA TRP A 140 2.83 15.84 -5.67
C TRP A 140 3.78 17.01 -5.55
N PRO A 141 3.26 18.19 -5.23
CA PRO A 141 4.13 19.36 -5.09
C PRO A 141 5.05 19.15 -3.89
N LEU A 142 6.36 19.16 -4.16
CA LEU A 142 7.30 18.69 -3.14
C LEU A 142 7.53 19.72 -2.04
N GLU A 143 7.47 20.99 -2.39
CA GLU A 143 7.86 22.05 -1.48
C GLU A 143 6.62 22.78 -1.01
N LYS A 144 6.63 23.19 0.25
CA LYS A 144 5.53 23.96 0.79
C LYS A 144 5.21 25.13 -0.13
N ASP A 145 3.91 25.36 -0.31
CA ASP A 145 3.31 26.43 -1.11
C ASP A 145 3.30 26.09 -2.59
N SER A 146 4.09 25.10 -3.00
CA SER A 146 4.04 24.62 -4.37
C SER A 146 2.68 23.97 -4.63
N ARG A 147 2.18 24.11 -5.85
CA ARG A 147 0.94 23.48 -6.22
C ARG A 147 1.07 22.87 -7.59
N ILE A 148 0.26 21.89 -7.85
CA ILE A 148 0.15 21.33 -9.16
C ILE A 148 -1.32 21.17 -9.42
N ARG A 149 -1.74 21.58 -10.60
CA ARG A 149 -3.11 21.36 -11.03
C ARG A 149 -3.18 20.11 -11.85
N PHE A 150 -4.06 19.20 -11.44
CA PHE A 150 -4.35 17.99 -12.17
C PHE A 150 -5.80 18.15 -12.61
N GLY A 151 -5.98 18.78 -13.77
CA GLY A 151 -7.32 19.12 -14.17
C GLY A 151 -7.98 19.92 -13.09
N PHE A 152 -9.18 19.52 -12.72
CA PHE A 152 -9.97 20.23 -11.71
C PHE A 152 -9.49 19.98 -10.29
N LEU A 153 -8.44 19.21 -10.09
CA LEU A 153 -7.90 18.98 -8.76
C LEU A 153 -6.56 19.71 -8.65
N THR A 154 -6.53 20.73 -7.82
CA THR A 154 -5.30 21.43 -7.52
C THR A 154 -4.75 20.89 -6.21
N VAL A 155 -3.51 20.42 -6.24
CA VAL A 155 -2.86 19.87 -5.07
C VAL A 155 -1.85 20.90 -4.63
N THR A 156 -1.97 21.33 -3.38
CA THR A 156 -1.06 22.34 -2.84
C THR A 156 -0.37 21.73 -1.64
N ASN A 157 0.94 21.94 -1.58
CA ASN A 157 1.72 21.46 -0.45
C ASN A 157 1.61 22.46 0.68
N LEU A 158 1.07 22.03 1.82
CA LEU A 158 0.87 22.93 2.95
C LEU A 158 1.98 22.85 3.97
N GLY A 159 2.93 21.97 3.79
CA GLY A 159 3.97 21.82 4.76
C GLY A 159 4.52 20.42 4.72
N VAL A 160 5.80 20.31 5.04
CA VAL A 160 6.52 19.05 5.03
C VAL A 160 7.22 18.93 6.37
N GLU A 161 6.98 17.82 7.05
CA GLU A 161 7.67 17.51 8.28
C GLU A 161 8.61 16.35 8.00
N ASN A 162 9.87 16.52 8.35
CA ASN A 162 10.88 15.53 8.07
C ASN A 162 11.13 14.76 9.35
N MET A 163 10.66 13.52 9.40
CA MET A 163 10.85 12.72 10.59
C MET A 163 11.96 11.72 10.38
N ASN A 164 12.17 10.89 11.38
CA ASN A 164 13.10 9.78 11.26
C ASN A 164 12.48 8.74 10.35
N HIS A 165 13.08 8.53 9.17
CA HIS A 165 12.75 7.51 8.19
C HIS A 165 11.52 7.87 7.36
N TYR A 166 10.80 8.95 7.67
CA TYR A 166 9.70 9.32 6.80
C TYR A 166 9.51 10.82 6.79
N LYS A 167 8.74 11.19 5.80
CA LYS A 167 8.36 12.58 5.60
C LYS A 167 6.85 12.66 5.61
N LYS A 168 6.36 13.67 6.31
CA LYS A 168 4.94 13.88 6.41
C LYS A 168 4.61 15.15 5.66
N THR A 169 3.85 15.03 4.59
CA THR A 169 3.52 16.18 3.76
C THR A 169 2.03 16.41 3.87
N THR A 170 1.65 17.62 4.25
CA THR A 170 0.25 17.98 4.30
C THR A 170 -0.10 18.62 2.98
N LEU A 171 -1.04 18.01 2.28
CA LEU A 171 -1.49 18.49 0.99
C LEU A 171 -2.91 18.97 1.13
N GLU A 172 -3.22 20.03 0.41
CA GLU A 172 -4.60 20.39 0.17
C GLU A 172 -4.94 19.93 -1.22
N ILE A 173 -6.04 19.20 -1.36
CA ILE A 173 -6.62 18.96 -2.67
C ILE A 173 -7.82 19.86 -2.83
N HIS A 174 -7.76 20.70 -3.82
CA HIS A 174 -8.81 21.65 -4.08
C HIS A 174 -9.48 21.20 -5.37
N ASN A 175 -10.70 20.74 -5.25
CA ASN A 175 -11.50 20.44 -6.42
C ASN A 175 -12.07 21.77 -6.87
N THR A 176 -11.50 22.32 -7.93
CA THR A 176 -11.87 23.66 -8.35
C THR A 176 -13.15 23.67 -9.16
N GLU A 177 -13.59 22.52 -9.66
CA GLU A 177 -14.88 22.45 -10.31
C GLU A 177 -16.00 22.49 -9.28
N GLU A 178 -15.89 21.65 -8.25
CA GLU A 178 -16.90 21.60 -7.20
C GLU A 178 -16.64 22.57 -6.06
N ARG A 179 -15.52 23.31 -6.11
CA ARG A 179 -15.15 24.25 -5.06
C ARG A 179 -15.13 23.56 -3.69
N GLN A 180 -14.48 22.41 -3.64
CA GLN A 180 -14.34 21.66 -2.40
C GLN A 180 -12.87 21.44 -2.12
N LYS A 181 -12.53 21.41 -0.84
CA LYS A 181 -11.16 21.23 -0.43
C LYS A 181 -11.06 20.12 0.60
N ARG A 182 -9.94 19.43 0.56
CA ARG A 182 -9.68 18.37 1.50
C ARG A 182 -8.20 18.39 1.81
N GLN A 183 -7.85 18.15 3.06
CA GLN A 183 -6.46 17.95 3.43
C GLN A 183 -6.16 16.47 3.31
N VAL A 184 -5.06 16.15 2.65
CA VAL A 184 -4.59 14.78 2.57
C VAL A 184 -3.20 14.78 3.18
N THR A 185 -2.92 13.79 4.00
CA THR A 185 -1.61 13.66 4.55
C THR A 185 -0.86 12.63 3.74
N HIS A 186 0.32 13.00 3.30
CA HIS A 186 1.15 12.15 2.47
C HIS A 186 2.34 11.73 3.31
N PHE A 187 2.51 10.43 3.48
CA PHE A 187 3.61 9.90 4.26
C PHE A 187 4.55 9.20 3.31
N GLN A 188 5.79 9.64 3.26
CA GLN A 188 6.77 8.96 2.44
C GLN A 188 7.78 8.31 3.36
N PHE A 189 7.79 6.99 3.38
CA PHE A 189 8.75 6.22 4.13
C PHE A 189 9.98 6.01 3.26
N LEU A 190 11.14 6.35 3.80
CA LEU A 190 12.33 6.48 2.98
C LEU A 190 13.30 5.33 3.12
N SER A 191 13.13 4.47 4.12
CA SER A 191 14.15 3.49 4.45
C SER A 191 13.69 2.08 4.13
N TRP A 192 12.93 1.93 3.05
CA TRP A 192 12.40 0.63 2.66
C TRP A 192 12.67 0.46 1.17
N PRO A 193 13.78 -0.17 0.82
CA PRO A 193 14.12 -0.29 -0.60
C PRO A 193 13.24 -1.32 -1.27
N ALA A 194 13.04 -1.12 -2.58
CA ALA A 194 12.32 -2.11 -3.36
C ALA A 194 12.96 -3.47 -3.15
N TYR A 195 12.14 -4.52 -3.21
CA TYR A 195 12.59 -5.89 -3.08
C TYR A 195 13.19 -6.16 -1.71
N GLY A 196 13.15 -5.16 -0.82
CA GLY A 196 13.76 -5.27 0.48
C GLY A 196 12.77 -5.23 1.63
N VAL A 197 13.34 -5.22 2.82
CA VAL A 197 12.58 -5.04 4.05
C VAL A 197 13.05 -3.72 4.66
N PRO A 198 12.25 -3.09 5.50
CA PRO A 198 12.71 -1.86 6.13
C PRO A 198 13.93 -2.16 6.97
N SER A 199 14.79 -1.16 7.12
CA SER A 199 15.97 -1.31 7.93
C SER A 199 15.64 -1.73 9.35
N SER A 200 14.44 -1.40 9.82
CA SER A 200 14.05 -1.61 11.21
C SER A 200 12.56 -1.87 11.25
N ALA A 201 12.18 -3.09 11.65
CA ALA A 201 10.75 -3.36 11.84
C ALA A 201 10.14 -2.35 12.81
N ALA A 202 10.89 -2.00 13.87
CA ALA A 202 10.39 -1.03 14.83
C ALA A 202 10.09 0.31 14.16
N SER A 203 10.94 0.72 13.22
CA SER A 203 10.71 1.99 12.54
C SER A 203 9.46 1.90 11.69
N LEU A 204 9.28 0.78 10.99
CA LEU A 204 8.08 0.59 10.19
C LEU A 204 6.83 0.55 11.07
N ILE A 205 6.89 -0.16 12.18
CA ILE A 205 5.71 -0.25 13.04
C ILE A 205 5.39 1.11 13.64
N ASP A 206 6.41 1.87 14.03
CA ASP A 206 6.14 3.23 14.48
C ASP A 206 5.49 4.04 13.37
N PHE A 207 6.02 3.91 12.16
CA PHE A 207 5.43 4.57 11.01
C PHE A 207 4.00 4.10 10.80
N LEU A 208 3.76 2.82 10.96
CA LEU A 208 2.41 2.32 10.84
C LEU A 208 1.50 3.02 11.85
N ARG A 209 2.00 3.21 13.05
CA ARG A 209 1.21 3.85 14.09
C ARG A 209 0.95 5.30 13.71
N VAL A 210 1.96 5.97 13.20
CA VAL A 210 1.79 7.34 12.74
C VAL A 210 0.75 7.41 11.64
N VAL A 211 0.83 6.50 10.68
CA VAL A 211 -0.17 6.45 9.62
C VAL A 211 -1.55 6.23 10.20
N ARG A 212 -1.68 5.21 11.05
CA ARG A 212 -2.97 4.90 11.65
C ARG A 212 -3.51 6.10 12.39
N ASN A 213 -2.66 6.74 13.19
CA ASN A 213 -3.08 7.88 13.97
C ASN A 213 -3.57 8.99 13.08
N GLN A 214 -2.87 9.23 11.97
CA GLN A 214 -3.29 10.29 11.07
C GLN A 214 -4.59 9.93 10.39
N GLN A 215 -4.72 8.69 9.93
CA GLN A 215 -5.99 8.24 9.37
C GLN A 215 -7.11 8.43 10.39
N SER A 216 -6.88 7.98 11.63
CA SER A 216 -7.92 8.12 12.64
C SER A 216 -8.24 9.58 12.89
N LEU A 217 -7.21 10.43 12.98
CA LEU A 217 -7.43 11.85 13.20
C LEU A 217 -8.22 12.46 12.06
N ALA A 218 -7.80 12.20 10.83
CA ALA A 218 -8.48 12.77 9.68
C ALA A 218 -9.93 12.31 9.61
N VAL A 219 -10.15 11.05 9.97
CA VAL A 219 -11.47 10.50 9.89
C VAL A 219 -12.33 11.09 10.97
N SER A 220 -11.75 11.43 12.10
CA SER A 220 -12.54 12.01 13.16
C SER A 220 -12.96 13.41 12.76
N ASN A 221 -12.44 13.88 11.64
CA ASN A 221 -12.76 15.22 11.18
C ASN A 221 -13.57 15.27 9.91
N MET A 222 -14.09 14.14 9.47
CA MET A 222 -14.96 14.15 8.32
C MET A 222 -16.36 14.59 8.77
N GLU A 232 -15.22 4.65 6.02
CA GLU A 232 -13.89 5.20 6.21
C GLU A 232 -13.06 5.07 4.93
N PRO A 233 -12.59 6.14 4.53
CA PRO A 233 -11.90 6.11 3.25
C PRO A 233 -10.69 5.22 3.31
N PRO A 234 -10.31 4.65 2.18
CA PRO A 234 -9.10 3.84 2.14
C PRO A 234 -7.87 4.69 2.33
N ILE A 235 -6.86 4.08 2.89
CA ILE A 235 -5.54 4.66 2.90
C ILE A 235 -4.89 4.24 1.59
N VAL A 236 -4.41 5.21 0.82
CA VAL A 236 -3.66 4.86 -0.36
C VAL A 236 -2.28 4.43 0.09
N VAL A 237 -1.87 3.24 -0.32
CA VAL A 237 -0.58 2.70 0.05
C VAL A 237 0.10 2.35 -1.26
N HIS A 238 1.26 2.94 -1.50
CA HIS A 238 1.89 2.66 -2.76
C HIS A 238 3.39 2.58 -2.56
N ALA A 239 4.03 1.91 -3.50
CA ALA A 239 5.47 1.84 -3.53
C ALA A 239 5.84 2.18 -4.95
N SER A 240 6.66 1.35 -5.60
CA SER A 240 6.88 1.56 -7.01
C SER A 240 5.88 0.74 -7.82
N ALA A 241 5.90 -0.58 -7.63
CA ALA A 241 4.86 -1.40 -8.21
C ALA A 241 3.60 -1.38 -7.37
N GLY A 242 3.75 -1.07 -6.08
CA GLY A 242 2.60 -1.12 -5.20
C GLY A 242 2.19 -2.52 -4.87
N ILE A 243 3.14 -3.46 -4.85
CA ILE A 243 2.76 -4.81 -4.46
C ILE A 243 3.67 -5.36 -3.38
N GLY A 244 4.96 -5.06 -3.45
CA GLY A 244 5.87 -5.75 -2.55
C GLY A 244 5.88 -5.09 -1.20
N ARG A 245 6.44 -3.89 -1.13
CA ARG A 245 6.38 -3.14 0.11
C ARG A 245 4.95 -2.82 0.48
N THR A 246 4.11 -2.58 -0.53
CA THR A 246 2.71 -2.28 -0.27
C THR A 246 2.02 -3.46 0.38
N GLY A 247 2.15 -4.65 -0.20
CA GLY A 247 1.55 -5.82 0.40
C GLY A 247 2.11 -6.09 1.78
N THR A 248 3.41 -5.85 1.96
CA THR A 248 4.03 -6.11 3.25
C THR A 248 3.51 -5.13 4.28
N PHE A 249 3.46 -3.85 3.91
CA PHE A 249 2.94 -2.83 4.81
C PHE A 249 1.52 -3.17 5.23
N CYS A 250 0.66 -3.45 4.25
CA CYS A 250 -0.74 -3.70 4.55
C CYS A 250 -0.91 -4.98 5.33
N SER A 251 -0.14 -6.01 4.97
CA SER A 251 -0.27 -7.27 5.70
C SER A 251 0.16 -7.09 7.13
N LEU A 252 1.27 -6.41 7.36
CA LEU A 252 1.69 -6.16 8.73
C LEU A 252 0.62 -5.39 9.48
N ASP A 253 0.07 -4.37 8.83
CA ASP A 253 -0.95 -3.55 9.46
C ASP A 253 -2.14 -4.42 9.88
N ILE A 254 -2.60 -5.26 8.95
CA ILE A 254 -3.73 -6.13 9.24
C ILE A 254 -3.40 -7.06 10.38
N CYS A 255 -2.23 -7.72 10.31
CA CYS A 255 -1.87 -8.66 11.37
C CYS A 255 -1.75 -7.96 12.71
N LEU A 256 -1.09 -6.80 12.74
CA LEU A 256 -0.96 -6.08 14.00
C LEU A 256 -2.32 -5.63 14.50
N ALA A 257 -3.19 -5.21 13.60
CA ALA A 257 -4.51 -4.76 14.04
C ALA A 257 -5.30 -5.92 14.62
N GLN A 258 -5.25 -7.07 13.95
CA GLN A 258 -5.94 -8.23 14.48
C GLN A 258 -5.31 -8.70 15.78
N LEU A 259 -3.98 -8.67 15.84
CA LEU A 259 -3.30 -9.02 17.08
C LEU A 259 -3.76 -8.10 18.21
N GLU A 260 -3.79 -6.80 17.96
CA GLU A 260 -4.18 -5.86 19.00
C GLU A 260 -5.60 -6.13 19.48
N GLU A 261 -6.50 -6.41 18.55
CA GLU A 261 -7.90 -6.47 18.92
C GLU A 261 -8.29 -7.85 19.41
N LEU A 262 -7.86 -8.90 18.73
CA LEU A 262 -8.27 -10.25 19.09
C LEU A 262 -7.15 -11.10 19.67
N GLY A 263 -5.94 -10.55 19.78
CA GLY A 263 -4.86 -11.38 20.27
C GLY A 263 -4.49 -12.51 19.33
N THR A 264 -4.86 -12.40 18.06
CA THR A 264 -4.56 -13.45 17.11
C THR A 264 -4.21 -12.79 15.80
N LEU A 265 -3.65 -13.61 14.92
CA LEU A 265 -3.30 -13.16 13.59
C LEU A 265 -3.05 -14.41 12.78
N ASN A 266 -3.01 -14.24 11.48
CA ASN A 266 -2.52 -15.31 10.63
C ASN A 266 -1.92 -14.63 9.42
N VAL A 267 -0.60 -14.71 9.32
CA VAL A 267 0.09 -14.04 8.23
C VAL A 267 -0.29 -14.69 6.92
N PHE A 268 -0.29 -16.03 6.88
CA PHE A 268 -0.56 -16.74 5.64
C PHE A 268 -1.94 -16.38 5.10
N GLN A 269 -2.95 -16.39 5.98
CA GLN A 269 -4.29 -16.00 5.56
C GLN A 269 -4.31 -14.56 5.10
N THR A 270 -3.65 -13.69 5.85
CA THR A 270 -3.68 -12.27 5.51
C THR A 270 -3.10 -12.06 4.13
N VAL A 271 -1.92 -12.63 3.90
CA VAL A 271 -1.25 -12.40 2.62
C VAL A 271 -1.99 -13.10 1.50
N SER A 272 -2.40 -14.35 1.70
CA SER A 272 -3.17 -15.05 0.69
C SER A 272 -4.40 -14.27 0.28
N ARG A 273 -5.18 -13.83 1.27
CA ARG A 273 -6.38 -13.07 0.96
C ARG A 273 -6.03 -11.75 0.32
N MET A 274 -4.98 -11.10 0.81
CA MET A 274 -4.62 -9.82 0.22
C MET A 274 -4.28 -9.99 -1.26
N ARG A 275 -3.65 -11.09 -1.61
CA ARG A 275 -3.26 -11.28 -3.00
C ARG A 275 -4.45 -11.54 -3.90
N THR A 276 -5.63 -11.77 -3.35
CA THR A 276 -6.83 -11.81 -4.17
C THR A 276 -7.38 -10.43 -4.41
N GLN A 277 -6.75 -9.41 -3.83
CA GLN A 277 -7.24 -8.05 -3.96
C GLN A 277 -6.19 -7.16 -4.58
N ARG A 278 -5.00 -7.08 -3.98
CA ARG A 278 -3.85 -6.50 -4.66
C ARG A 278 -3.03 -7.70 -5.10
N ALA A 279 -3.22 -8.12 -6.35
CA ALA A 279 -2.49 -9.28 -6.85
C ALA A 279 -1.00 -9.08 -6.65
N PHE A 280 -0.32 -10.16 -6.31
CA PHE A 280 1.13 -10.19 -6.16
C PHE A 280 1.62 -9.49 -4.91
N SER A 281 0.72 -9.14 -4.00
CA SER A 281 1.11 -8.52 -2.74
C SER A 281 2.19 -9.34 -2.06
N ILE A 282 3.25 -8.65 -1.64
CA ILE A 282 4.45 -9.18 -1.01
C ILE A 282 5.24 -9.91 -2.08
N GLN A 283 6.40 -9.38 -2.35
CA GLN A 283 7.08 -9.73 -3.59
C GLN A 283 8.31 -10.57 -3.36
N THR A 284 8.79 -10.67 -2.13
CA THR A 284 9.92 -11.55 -1.86
C THR A 284 9.62 -12.40 -0.64
N PRO A 285 10.21 -13.59 -0.55
CA PRO A 285 10.08 -14.36 0.69
C PRO A 285 10.67 -13.61 1.87
N GLU A 286 11.65 -12.75 1.64
CA GLU A 286 12.20 -11.95 2.72
C GLU A 286 11.16 -11.01 3.28
N GLN A 287 10.36 -10.40 2.41
CA GLN A 287 9.28 -9.54 2.87
C GLN A 287 8.24 -10.36 3.61
N TYR A 288 7.91 -11.53 3.08
CA TYR A 288 6.95 -12.40 3.74
C TYR A 288 7.45 -12.81 5.11
N TYR A 289 8.71 -13.25 5.17
CA TYR A 289 9.31 -13.56 6.46
C TYR A 289 9.33 -12.34 7.35
N PHE A 290 9.60 -11.17 6.77
CA PHE A 290 9.62 -9.94 7.57
C PHE A 290 8.32 -9.73 8.30
N CYS A 291 7.19 -10.02 7.64
CA CYS A 291 5.90 -9.91 8.31
C CYS A 291 5.92 -10.67 9.62
N TYR A 292 6.32 -11.94 9.55
CA TYR A 292 6.40 -12.73 10.77
C TYR A 292 7.36 -12.13 11.78
N LYS A 293 8.57 -11.80 11.32
CA LYS A 293 9.60 -11.36 12.27
C LYS A 293 9.26 -10.01 12.85
N ALA A 294 8.71 -9.10 12.03
CA ALA A 294 8.25 -7.82 12.57
C ALA A 294 7.23 -8.03 13.67
N ILE A 295 6.26 -8.92 13.45
CA ILE A 295 5.24 -9.18 14.45
C ILE A 295 5.86 -9.76 15.71
N LEU A 296 6.72 -10.76 15.54
CA LEU A 296 7.39 -11.36 16.68
C LEU A 296 8.26 -10.35 17.41
N GLU A 297 8.97 -9.51 16.65
CA GLU A 297 9.81 -8.51 17.28
C GLU A 297 8.95 -7.52 18.05
N PHE A 298 7.85 -7.08 17.45
CA PHE A 298 6.88 -6.25 18.15
C PHE A 298 6.37 -6.95 19.39
N ALA A 299 6.02 -8.23 19.25
CA ALA A 299 5.52 -8.98 20.40
C ALA A 299 6.55 -9.01 21.52
N GLU A 300 7.81 -9.26 21.19
CA GLU A 300 8.86 -9.24 22.20
C GLU A 300 8.97 -7.87 22.84
N LYS A 301 9.07 -6.82 22.01
CA LYS A 301 9.20 -5.46 22.53
C LYS A 301 8.02 -5.09 23.43
N GLU A 302 6.86 -5.65 23.15
CA GLU A 302 5.65 -5.38 23.92
C GLU A 302 5.46 -6.36 25.08
N GLY A 303 6.45 -7.17 25.39
CA GLY A 303 6.33 -8.13 26.47
C GLY A 303 5.29 -9.19 26.27
N MET A 304 4.76 -9.35 25.06
CA MET A 304 3.74 -10.36 24.79
C MET A 304 4.32 -11.76 24.70
N VAL A 305 5.64 -11.89 24.54
CA VAL A 305 6.27 -13.18 24.36
C VAL A 305 7.56 -13.24 25.17
N VAL B 2 8.45 -2.96 -21.32
CA VAL B 2 9.65 -3.74 -21.08
C VAL B 2 10.13 -3.57 -19.64
N SER B 3 9.51 -2.66 -18.90
CA SER B 3 9.91 -2.44 -17.51
C SER B 3 9.31 -3.51 -16.62
N LEU B 4 10.18 -4.29 -15.99
CA LEU B 4 9.75 -5.38 -15.12
C LEU B 4 10.08 -5.07 -13.67
N PTR B 5 9.15 -5.38 -12.77
CA PTR B 5 9.38 -5.14 -11.36
C PTR B 5 10.18 -6.27 -10.81
O PTR B 5 11.12 -6.06 -10.03
CB PTR B 5 8.04 -5.14 -10.66
CG PTR B 5 8.13 -4.71 -9.23
CD1 PTR B 5 8.76 -3.53 -8.87
CD2 PTR B 5 7.56 -5.51 -8.26
CE1 PTR B 5 8.82 -3.15 -7.55
CE2 PTR B 5 7.62 -5.12 -6.94
CZ PTR B 5 8.25 -3.95 -6.58
OH PTR B 5 8.29 -3.59 -5.28
P PTR B 5 7.22 -2.54 -4.71
O1P PTR B 5 7.50 -1.26 -5.43
O2P PTR B 5 5.89 -3.11 -5.04
O3P PTR B 5 7.56 -2.54 -3.26
N THR B 6 9.85 -7.47 -11.19
CA THR B 6 10.58 -8.62 -10.72
C THR B 6 11.50 -9.07 -11.82
N PHE B 7 12.79 -8.80 -11.67
CA PHE B 7 13.77 -9.22 -12.65
C PHE B 7 14.87 -10.04 -11.99
N ASP B 8 15.52 -10.89 -12.78
CA ASP B 8 16.60 -11.73 -12.28
C ASP B 8 17.95 -11.14 -12.67
#